data_4G2A
#
_entry.id   4G2A
#
_cell.length_a   37.953
_cell.length_b   87.716
_cell.length_c   99.766
_cell.angle_alpha   90.000
_cell.angle_beta   90.000
_cell.angle_gamma   90.000
#
_symmetry.space_group_name_H-M   'P 21 21 21'
#
loop_
_entity.id
_entity.type
_entity.pdbx_description
1 polymer 'hypothetical protein'
2 non-polymer 'SULFATE ION'
3 water water
#
_entity_poly.entity_id   1
_entity_poly.type   'polypeptide(L)'
_entity_poly.pdbx_seq_one_letter_code
;GNDTAVGGEGSLPIPVSQPHIK(MSE)VSELIRISGKNLNEPQ(MSE)NGSWHYNCNFTFKNTLNKEVTIS(MSE)AFPF
PINDGNSEIALPAGQQTNVGQALVYDFLVTVNDKQVSAQRGNIAPDQNKGLYYEDAYFWKTTFPPLATVNIHHDYSTGAT
YDV(MSE)GYHWVRYVLKTGALWQDSSIGHTRLEVIPNTPTRLCSEIDQKADYLNPTPSG(MSE)SISGSRADRKYIWDL
RHFQPQADLSLCLFTGISYVRYKVIYPWLNSDDALSKLARLSNKELRFLRNTIYAQYGRQFQSPDLQEYFSKKWWYVPNP
DYSDR(MSE)LNEEDKKLLS(MSE)INQAK
;
_entity_poly.pdbx_strand_id   A
#
loop_
_chem_comp.id
_chem_comp.type
_chem_comp.name
_chem_comp.formula
SO4 non-polymer 'SULFATE ION' 'O4 S -2'
#
# COMPACT_ATOMS: atom_id res chain seq x y z
N ASN A 2 14.23 -6.02 12.06
CA ASN A 2 12.90 -5.61 11.58
C ASN A 2 12.87 -5.47 10.06
N ASP A 3 12.33 -6.52 9.39
CA ASP A 3 12.19 -6.65 7.95
C ASP A 3 11.21 -5.65 7.35
N THR A 4 10.10 -5.43 8.05
CA THR A 4 9.01 -4.61 7.57
C THR A 4 8.67 -3.46 8.52
N ALA A 5 8.50 -2.26 7.96
CA ALA A 5 7.95 -1.15 8.72
C ALA A 5 6.46 -1.13 8.40
N VAL A 6 5.66 -1.63 9.36
CA VAL A 6 4.21 -1.81 9.30
C VAL A 6 3.53 -0.43 9.42
N GLY A 7 2.66 -0.14 8.43
CA GLY A 7 1.95 1.12 8.33
C GLY A 7 0.45 1.10 8.59
N GLY A 8 -0.14 -0.09 8.61
CA GLY A 8 -1.58 -0.25 8.80
C GLY A 8 -2.26 -0.61 7.49
N GLU A 9 -3.52 -1.00 7.57
CA GLU A 9 -4.28 -1.40 6.38
C GLU A 9 -5.78 -1.24 6.59
N GLY A 10 -6.51 -1.29 5.48
CA GLY A 10 -7.96 -1.22 5.48
C GLY A 10 -8.61 -2.58 5.63
N SER A 11 -9.87 -2.57 6.06
CA SER A 11 -10.64 -3.79 6.27
C SER A 11 -12.11 -3.53 5.98
N LEU A 12 -12.82 -4.56 5.50
CA LEU A 12 -14.27 -4.48 5.29
C LEU A 12 -14.96 -4.31 6.66
N PRO A 13 -16.16 -3.68 6.77
CA PRO A 13 -16.86 -3.71 8.06
C PRO A 13 -17.30 -5.15 8.31
N ILE A 14 -17.40 -5.56 9.58
CA ILE A 14 -17.82 -6.93 9.83
C ILE A 14 -18.96 -6.95 10.86
N PRO A 15 -19.82 -7.99 10.87
CA PRO A 15 -20.84 -8.06 11.92
C PRO A 15 -20.29 -8.74 13.19
N VAL A 16 -20.80 -8.33 14.36
CA VAL A 16 -20.43 -8.88 15.67
C VAL A 16 -21.03 -10.30 15.78
N SER A 17 -22.26 -10.49 15.27
CA SER A 17 -22.99 -11.77 15.22
C SER A 17 -23.13 -12.32 13.77
N GLN A 18 -24.16 -13.16 13.50
CA GLN A 18 -24.44 -13.75 12.17
C GLN A 18 -25.79 -13.21 11.66
N PRO A 19 -25.84 -11.98 11.10
CA PRO A 19 -27.14 -11.43 10.70
C PRO A 19 -27.56 -11.81 9.29
N HIS A 20 -28.82 -11.55 8.98
CA HIS A 20 -29.36 -11.78 7.65
C HIS A 20 -29.27 -10.46 6.88
N ILE A 21 -28.02 -9.93 6.79
CA ILE A 21 -27.64 -8.70 6.11
C ILE A 21 -26.61 -9.07 5.05
N LYS A 22 -26.88 -8.73 3.77
CA LYS A 22 -25.93 -9.03 2.69
C LYS A 22 -25.25 -7.76 2.21
N MSE A 23 -23.97 -7.88 1.87
CA MSE A 23 -23.15 -6.79 1.35
C MSE A 23 -23.33 -6.83 -0.15
O MSE A 23 -23.00 -7.85 -0.75
CB MSE A 23 -21.70 -6.97 1.79
CG MSE A 23 -20.94 -5.69 1.79
SE MSE A 23 -19.06 -6.04 2.06
CE MSE A 23 -18.92 -5.75 3.92
N VAL A 24 -23.97 -5.82 -0.75
CA VAL A 24 -24.31 -5.91 -2.15
C VAL A 24 -23.34 -5.13 -3.06
N SER A 25 -22.61 -4.15 -2.53
CA SER A 25 -21.64 -3.39 -3.32
C SER A 25 -20.66 -2.64 -2.42
N GLU A 26 -19.47 -2.38 -2.95
CA GLU A 26 -18.40 -1.62 -2.29
C GLU A 26 -17.71 -0.75 -3.33
N LEU A 27 -17.21 0.40 -2.88
CA LEU A 27 -16.47 1.35 -3.71
C LEU A 27 -15.31 1.78 -2.84
N ILE A 28 -14.13 1.16 -3.07
CA ILE A 28 -12.97 1.36 -2.21
C ILE A 28 -11.85 2.08 -2.98
N ARG A 29 -11.56 3.30 -2.54
CA ARG A 29 -10.56 4.17 -3.16
C ARG A 29 -9.43 4.33 -2.18
N ILE A 30 -8.21 3.93 -2.57
CA ILE A 30 -7.01 3.98 -1.72
C ILE A 30 -6.03 4.89 -2.45
N SER A 31 -5.80 6.07 -1.86
CA SER A 31 -4.99 7.12 -2.50
C SER A 31 -3.71 7.43 -1.73
N GLY A 32 -2.58 7.43 -2.43
CA GLY A 32 -1.24 7.68 -1.88
C GLY A 32 -0.84 9.14 -1.82
N LYS A 33 -0.03 9.48 -0.81
CA LYS A 33 0.55 10.81 -0.57
C LYS A 33 1.97 10.59 -0.06
N ASN A 34 2.96 11.38 -0.59
CA ASN A 34 4.38 11.36 -0.20
C ASN A 34 5.05 9.97 -0.27
N LEU A 35 4.63 9.09 -1.21
CA LEU A 35 5.17 7.73 -1.29
C LEU A 35 6.60 7.67 -1.80
N ASN A 36 7.07 8.71 -2.52
CA ASN A 36 8.43 8.76 -3.06
C ASN A 36 9.36 9.65 -2.23
N GLU A 37 8.94 9.99 -1.01
CA GLU A 37 9.74 10.80 -0.11
C GLU A 37 10.73 9.89 0.63
N PRO A 38 12.04 10.18 0.62
CA PRO A 38 13.00 9.27 1.27
C PRO A 38 12.86 9.20 2.81
N GLN A 39 12.14 10.15 3.42
CA GLN A 39 11.85 10.26 4.87
C GLN A 39 10.89 9.15 5.35
N MSE A 40 10.27 8.40 4.41
CA MSE A 40 9.35 7.28 4.64
C MSE A 40 8.14 7.75 5.45
O MSE A 40 7.71 7.06 6.39
CB MSE A 40 10.05 6.07 5.29
CG MSE A 40 11.31 5.59 4.56
SE MSE A 40 11.17 5.44 2.62
CE MSE A 40 9.66 4.25 2.44
N ASN A 41 7.60 8.90 5.08
CA ASN A 41 6.44 9.49 5.73
C ASN A 41 5.22 9.45 4.79
N GLY A 42 5.20 8.42 3.95
CA GLY A 42 4.10 8.16 3.03
C GLY A 42 2.84 7.73 3.76
N SER A 43 1.70 7.95 3.10
CA SER A 43 0.41 7.59 3.65
C SER A 43 -0.54 7.13 2.55
N TRP A 44 -1.57 6.38 2.96
CA TRP A 44 -2.68 5.94 2.15
C TRP A 44 -3.97 6.47 2.76
N HIS A 45 -4.82 7.07 1.93
CA HIS A 45 -6.12 7.60 2.32
C HIS A 45 -7.21 6.73 1.71
N TYR A 46 -8.04 6.15 2.56
CA TYR A 46 -9.11 5.23 2.18
C TYR A 46 -10.46 5.91 2.25
N ASN A 47 -11.19 5.91 1.10
CA ASN A 47 -12.57 6.37 1.06
C ASN A 47 -13.37 5.15 0.62
N CYS A 48 -14.12 4.56 1.56
CA CYS A 48 -14.83 3.32 1.29
C CYS A 48 -16.31 3.48 1.44
N ASN A 49 -17.06 3.03 0.45
CA ASN A 49 -18.50 3.01 0.52
C ASN A 49 -18.95 1.58 0.46
N PHE A 50 -20.04 1.26 1.18
CA PHE A 50 -20.60 -0.09 1.28
C PHE A 50 -22.10 0.00 1.26
N THR A 51 -22.71 -0.95 0.56
CA THR A 51 -24.17 -1.01 0.48
C THR A 51 -24.55 -2.35 1.10
N PHE A 52 -25.41 -2.31 2.10
CA PHE A 52 -25.89 -3.50 2.80
C PHE A 52 -27.37 -3.64 2.62
N LYS A 53 -27.88 -4.86 2.49
CA LYS A 53 -29.32 -5.06 2.38
C LYS A 53 -29.85 -6.03 3.47
N ASN A 54 -30.91 -5.59 4.17
CA ASN A 54 -31.64 -6.41 5.12
C ASN A 54 -32.51 -7.38 4.29
N THR A 55 -32.26 -8.68 4.37
CA THR A 55 -33.02 -9.64 3.56
C THR A 55 -34.27 -10.13 4.27
N LEU A 56 -34.49 -9.69 5.54
CA LEU A 56 -35.66 -10.04 6.35
C LEU A 56 -36.74 -8.99 6.24
N ASN A 57 -38.01 -9.40 6.22
CA ASN A 57 -39.07 -8.41 6.14
C ASN A 57 -39.45 -7.95 7.57
N LYS A 58 -38.44 -7.51 8.33
CA LYS A 58 -38.60 -6.98 9.69
C LYS A 58 -37.41 -6.07 10.03
N GLU A 59 -37.61 -5.15 11.00
CA GLU A 59 -36.60 -4.22 11.46
C GLU A 59 -35.50 -4.98 12.24
N VAL A 60 -34.22 -4.73 11.90
CA VAL A 60 -33.11 -5.39 12.58
C VAL A 60 -32.11 -4.34 13.01
N THR A 61 -31.57 -4.50 14.22
CA THR A 61 -30.55 -3.63 14.80
C THR A 61 -29.32 -4.50 15.03
N ILE A 62 -28.22 -4.13 14.39
CA ILE A 62 -26.96 -4.88 14.49
C ILE A 62 -25.81 -3.93 14.83
N SER A 63 -24.79 -4.50 15.44
CA SER A 63 -23.56 -3.81 15.77
C SER A 63 -22.53 -4.18 14.68
N MSE A 64 -21.93 -3.18 14.06
CA MSE A 64 -20.91 -3.36 13.03
C MSE A 64 -19.58 -2.98 13.60
O MSE A 64 -19.53 -2.08 14.44
CB MSE A 64 -21.20 -2.50 11.80
CG MSE A 64 -22.25 -3.04 10.91
SE MSE A 64 -22.13 -2.15 9.18
CE MSE A 64 -23.84 -2.75 8.47
N ALA A 65 -18.50 -3.62 13.12
CA ALA A 65 -17.17 -3.33 13.60
C ALA A 65 -16.18 -3.17 12.47
N PHE A 66 -15.25 -2.19 12.62
CA PHE A 66 -14.12 -1.97 11.71
C PHE A 66 -12.87 -2.48 12.43
N PRO A 67 -12.32 -3.69 12.09
CA PRO A 67 -11.12 -4.18 12.76
C PRO A 67 -9.86 -3.52 12.25
N PHE A 68 -8.84 -3.42 13.10
CA PHE A 68 -7.61 -2.76 12.65
C PHE A 68 -6.35 -3.31 13.37
N PRO A 69 -5.17 -3.22 12.72
CA PRO A 69 -3.92 -3.58 13.44
C PRO A 69 -3.52 -2.47 14.40
N ILE A 70 -2.71 -2.79 15.39
CA ILE A 70 -2.25 -1.79 16.37
C ILE A 70 -0.74 -1.80 16.48
N ASN A 71 -0.17 -0.77 17.16
CA ASN A 71 1.25 -0.77 17.46
C ASN A 71 1.42 -1.63 18.71
N ASP A 72 1.96 -2.84 18.53
CA ASP A 72 2.11 -3.75 19.67
C ASP A 72 3.54 -3.71 20.26
N GLY A 73 4.37 -2.79 19.76
CA GLY A 73 5.74 -2.58 20.19
C GLY A 73 6.77 -3.58 19.70
N ASN A 74 6.40 -4.48 18.78
CA ASN A 74 7.28 -5.54 18.26
C ASN A 74 7.95 -5.16 16.94
N SER A 75 7.34 -4.22 16.24
CA SER A 75 7.80 -3.85 14.92
C SER A 75 8.08 -2.37 14.79
N GLU A 76 8.79 -2.07 13.71
CA GLU A 76 9.07 -0.76 13.21
C GLU A 76 7.76 -0.26 12.63
N ILE A 77 7.45 0.98 12.85
CA ILE A 77 6.21 1.54 12.34
C ILE A 77 6.52 2.47 11.17
N ALA A 78 5.69 2.40 10.12
CA ALA A 78 5.63 3.31 8.97
C ALA A 78 4.55 4.35 9.29
N LEU A 79 4.97 5.54 9.65
CA LEU A 79 4.11 6.65 10.08
C LEU A 79 3.76 7.63 8.98
N PRO A 80 2.49 8.07 8.87
CA PRO A 80 2.16 9.13 7.89
C PRO A 80 2.72 10.47 8.34
N ALA A 81 2.95 11.42 7.42
CA ALA A 81 3.43 12.73 7.86
C ALA A 81 2.35 13.44 8.70
N GLY A 82 2.77 14.00 9.83
CA GLY A 82 1.90 14.70 10.78
C GLY A 82 1.26 13.81 11.82
N GLN A 83 1.61 12.50 11.86
CA GLN A 83 1.03 11.57 12.85
C GLN A 83 2.09 11.05 13.79
N GLN A 84 1.66 10.76 15.01
CA GLN A 84 2.48 10.16 16.07
C GLN A 84 1.88 8.83 16.42
N THR A 85 2.71 7.92 16.92
CA THR A 85 2.31 6.56 17.30
C THR A 85 2.98 6.20 18.62
N ASN A 86 2.51 5.10 19.22
CA ASN A 86 3.03 4.44 20.42
C ASN A 86 2.28 3.13 20.63
N VAL A 87 2.79 2.27 21.51
CA VAL A 87 2.22 0.97 21.83
C VAL A 87 0.72 1.12 22.22
N GLY A 88 -0.11 0.27 21.63
CA GLY A 88 -1.53 0.23 21.90
C GLY A 88 -2.39 1.06 20.99
N GLN A 89 -1.77 1.93 20.18
CA GLN A 89 -2.49 2.79 19.25
C GLN A 89 -2.76 2.11 17.91
N ALA A 90 -3.92 2.47 17.31
CA ALA A 90 -4.37 1.97 16.02
C ALA A 90 -3.43 2.44 14.92
N LEU A 91 -3.25 1.61 13.89
CA LEU A 91 -2.42 1.99 12.75
C LEU A 91 -3.36 2.53 11.64
N VAL A 92 -4.44 3.17 12.09
CA VAL A 92 -5.54 3.83 11.37
C VAL A 92 -5.65 5.22 12.00
N TYR A 93 -5.80 6.25 11.16
CA TYR A 93 -5.83 7.61 11.63
C TYR A 93 -7.08 8.31 11.17
N ASP A 94 -7.70 9.05 12.11
CA ASP A 94 -8.88 9.91 11.88
C ASP A 94 -10.00 9.14 11.20
N PHE A 95 -10.31 7.97 11.78
CA PHE A 95 -11.39 7.13 11.33
C PHE A 95 -12.70 7.84 11.54
N LEU A 96 -13.46 7.99 10.45
CA LEU A 96 -14.79 8.58 10.43
C LEU A 96 -15.73 7.60 9.74
N VAL A 97 -16.88 7.29 10.37
CA VAL A 97 -17.92 6.43 9.84
C VAL A 97 -19.25 7.20 9.81
N THR A 98 -19.96 7.10 8.67
CA THR A 98 -21.30 7.66 8.46
C THR A 98 -22.26 6.51 8.15
N VAL A 99 -23.45 6.54 8.78
CA VAL A 99 -24.52 5.57 8.59
C VAL A 99 -25.63 6.32 7.88
N ASN A 100 -25.97 5.91 6.63
CA ASN A 100 -26.99 6.57 5.79
C ASN A 100 -26.67 8.08 5.67
N ASP A 101 -25.38 8.35 5.41
CA ASP A 101 -24.73 9.65 5.20
C ASP A 101 -24.73 10.59 6.47
N LYS A 102 -25.07 10.03 7.66
CA LYS A 102 -25.01 10.72 8.96
C LYS A 102 -23.82 10.19 9.77
N GLN A 103 -22.91 11.10 10.20
CA GLN A 103 -21.72 10.75 10.98
C GLN A 103 -22.13 10.20 12.36
N VAL A 104 -21.55 9.04 12.73
CA VAL A 104 -21.88 8.38 14.00
C VAL A 104 -20.67 8.24 14.89
N SER A 105 -20.90 8.18 16.22
CA SER A 105 -19.86 7.89 17.21
C SER A 105 -19.41 6.44 17.02
N ALA A 106 -18.11 6.23 16.95
CA ALA A 106 -17.52 4.89 16.84
C ALA A 106 -16.77 4.64 18.12
N GLN A 107 -17.13 3.56 18.83
CA GLN A 107 -16.52 3.23 20.12
CA GLN A 107 -16.49 3.24 20.11
C GLN A 107 -15.45 2.12 19.95
N ARG A 108 -14.22 2.37 20.44
CA ARG A 108 -13.14 1.38 20.37
C ARG A 108 -13.39 0.29 21.41
N GLY A 109 -13.14 -0.94 20.99
CA GLY A 109 -13.33 -2.11 21.82
C GLY A 109 -12.57 -3.30 21.29
N ASN A 110 -12.75 -4.43 21.95
CA ASN A 110 -12.12 -5.68 21.57
C ASN A 110 -13.06 -6.56 20.78
N ILE A 111 -12.47 -7.34 19.87
CA ILE A 111 -13.17 -8.28 19.01
C ILE A 111 -12.39 -9.59 19.03
N ALA A 112 -13.10 -10.71 18.98
CA ALA A 112 -12.42 -12.00 18.95
C ALA A 112 -12.03 -12.31 17.52
N PRO A 113 -10.79 -12.80 17.27
CA PRO A 113 -10.39 -13.09 15.86
C PRO A 113 -11.19 -14.28 15.31
N ASP A 114 -11.25 -14.36 13.97
CA ASP A 114 -11.94 -15.43 13.21
C ASP A 114 -11.05 -15.72 12.03
N GLN A 115 -9.91 -16.35 12.31
CA GLN A 115 -8.84 -16.63 11.34
C GLN A 115 -9.30 -17.45 10.17
N ASN A 116 -10.30 -18.32 10.41
CA ASN A 116 -10.95 -19.17 9.39
C ASN A 116 -11.64 -18.30 8.33
N LYS A 117 -12.12 -17.09 8.72
CA LYS A 117 -12.80 -16.15 7.81
C LYS A 117 -11.89 -14.95 7.49
N GLY A 118 -10.62 -15.06 7.86
CA GLY A 118 -9.61 -14.04 7.55
C GLY A 118 -9.52 -12.88 8.52
N LEU A 119 -10.20 -12.98 9.67
CA LEU A 119 -10.11 -11.92 10.68
C LEU A 119 -8.97 -12.27 11.66
N TYR A 120 -7.90 -11.46 11.66
CA TYR A 120 -6.73 -11.68 12.51
C TYR A 120 -6.56 -10.62 13.60
N TYR A 121 -7.43 -9.62 13.65
CA TYR A 121 -7.31 -8.50 14.61
C TYR A 121 -8.20 -8.67 15.82
N GLU A 122 -7.72 -8.12 16.96
CA GLU A 122 -8.42 -8.18 18.25
C GLU A 122 -9.08 -6.85 18.61
N ASP A 123 -8.71 -5.77 17.90
CA ASP A 123 -9.23 -4.41 18.13
C ASP A 123 -10.08 -3.94 16.99
N ALA A 124 -11.18 -3.23 17.29
CA ALA A 124 -12.12 -2.71 16.28
C ALA A 124 -12.85 -1.47 16.79
N TYR A 125 -13.40 -0.66 15.86
CA TYR A 125 -14.30 0.48 16.13
C TYR A 125 -15.70 -0.03 15.89
N PHE A 126 -16.61 0.18 16.84
CA PHE A 126 -17.99 -0.32 16.77
C PHE A 126 -19.02 0.78 16.62
N TRP A 127 -20.12 0.47 15.92
CA TRP A 127 -21.24 1.38 15.73
C TRP A 127 -22.54 0.57 15.51
N LYS A 128 -23.69 1.16 15.84
CA LYS A 128 -24.99 0.51 15.63
C LYS A 128 -25.55 0.88 14.29
N THR A 129 -26.28 -0.06 13.68
CA THR A 129 -26.94 0.13 12.39
C THR A 129 -28.35 -0.49 12.47
N THR A 130 -29.39 0.32 12.26
CA THR A 130 -30.76 -0.15 12.27
C THR A 130 -31.23 -0.23 10.83
N PHE A 131 -31.77 -1.39 10.48
CA PHE A 131 -32.32 -1.62 9.17
C PHE A 131 -33.83 -1.82 9.25
N PRO A 132 -34.62 -0.88 8.67
CA PRO A 132 -36.07 -1.11 8.53
C PRO A 132 -36.37 -2.39 7.71
N PRO A 133 -37.64 -2.90 7.64
CA PRO A 133 -37.89 -4.12 6.85
C PRO A 133 -37.47 -4.02 5.37
N LEU A 134 -36.67 -5.01 4.92
CA LEU A 134 -36.12 -5.20 3.57
C LEU A 134 -35.29 -3.99 3.03
N ALA A 135 -34.82 -3.12 3.94
CA ALA A 135 -34.12 -1.89 3.61
C ALA A 135 -32.62 -2.04 3.39
N THR A 136 -32.07 -1.06 2.65
CA THR A 136 -30.66 -0.90 2.31
C THR A 136 -30.06 0.18 3.23
N VAL A 137 -28.85 -0.05 3.73
CA VAL A 137 -28.18 0.93 4.58
C VAL A 137 -26.83 1.23 3.93
N ASN A 138 -26.51 2.51 3.81
CA ASN A 138 -25.24 2.97 3.28
C ASN A 138 -24.23 3.16 4.41
N ILE A 139 -23.03 2.55 4.27
CA ILE A 139 -21.94 2.68 5.23
C ILE A 139 -20.80 3.33 4.49
N HIS A 140 -20.20 4.37 5.07
CA HIS A 140 -19.04 5.06 4.52
C HIS A 140 -17.93 5.17 5.57
N HIS A 141 -16.71 4.85 5.14
CA HIS A 141 -15.47 4.92 5.91
C HIS A 141 -14.53 5.95 5.29
N ASP A 142 -13.82 6.65 6.15
CA ASP A 142 -12.81 7.64 5.77
C ASP A 142 -11.75 7.56 6.87
N TYR A 143 -10.52 7.21 6.48
CA TYR A 143 -9.40 7.09 7.40
C TYR A 143 -8.10 7.04 6.59
N SER A 144 -6.97 7.08 7.31
CA SER A 144 -5.63 7.01 6.73
C SER A 144 -4.80 5.99 7.46
N THR A 145 -3.73 5.55 6.84
CA THR A 145 -2.72 4.64 7.41
C THR A 145 -1.37 5.15 6.96
N GLY A 146 -0.31 4.57 7.50
CA GLY A 146 1.04 4.81 7.03
C GLY A 146 1.29 3.95 5.82
N ALA A 147 2.43 4.13 5.15
CA ALA A 147 2.69 3.34 3.97
C ALA A 147 3.75 2.29 4.27
N THR A 148 3.28 1.04 4.45
CA THR A 148 4.07 -0.15 4.72
C THR A 148 5.21 -0.27 3.70
N TYR A 149 6.39 -0.60 4.19
CA TYR A 149 7.55 -0.78 3.35
C TYR A 149 8.49 -1.80 4.01
N ASP A 150 9.34 -2.46 3.22
CA ASP A 150 10.22 -3.46 3.77
C ASP A 150 11.67 -3.35 3.24
N VAL A 151 12.56 -4.18 3.82
CA VAL A 151 14.01 -4.27 3.55
C VAL A 151 14.35 -4.74 2.11
N MSE A 152 13.35 -5.13 1.29
CA MSE A 152 13.50 -5.56 -0.11
CA MSE A 152 13.58 -5.53 -0.11
C MSE A 152 13.22 -4.36 -1.03
O MSE A 152 13.44 -4.44 -2.24
CB MSE A 152 12.55 -6.72 -0.43
CB MSE A 152 12.86 -6.82 -0.54
CG MSE A 152 12.66 -7.90 0.54
CG MSE A 152 11.71 -7.25 0.35
SE MSE A 152 14.27 -8.96 0.30
SE MSE A 152 12.29 -8.47 1.69
CE MSE A 152 15.48 -8.05 1.44
CE MSE A 152 11.01 -8.18 3.07
N GLY A 153 12.72 -3.29 -0.43
CA GLY A 153 12.36 -2.07 -1.13
C GLY A 153 10.93 -2.01 -1.58
N TYR A 154 10.11 -2.93 -1.11
CA TYR A 154 8.70 -2.97 -1.50
C TYR A 154 7.84 -2.00 -0.71
N HIS A 155 6.74 -1.56 -1.31
CA HIS A 155 5.66 -0.78 -0.71
C HIS A 155 4.44 -1.67 -0.79
N TRP A 156 3.75 -1.86 0.32
CA TRP A 156 2.58 -2.74 0.38
C TRP A 156 1.32 -1.94 0.64
N VAL A 157 0.30 -2.18 -0.15
CA VAL A 157 -1.02 -1.57 0.03
C VAL A 157 -1.94 -2.77 0.16
N ARG A 158 -2.68 -2.82 1.28
CA ARG A 158 -3.51 -3.98 1.58
C ARG A 158 -4.89 -3.56 2.01
N TYR A 159 -5.84 -4.49 1.86
CA TYR A 159 -7.24 -4.35 2.25
C TYR A 159 -7.83 -5.74 2.50
N VAL A 160 -8.34 -6.01 3.72
CA VAL A 160 -8.93 -7.30 4.08
C VAL A 160 -10.36 -7.40 3.50
N LEU A 161 -10.54 -8.41 2.61
CA LEU A 161 -11.78 -8.69 1.89
C LEU A 161 -12.36 -10.07 2.22
N LYS A 162 -11.53 -11.03 2.70
CA LYS A 162 -11.94 -12.40 3.01
C LYS A 162 -13.04 -12.47 4.10
N THR A 163 -13.08 -11.45 4.97
CA THR A 163 -14.00 -11.31 6.08
C THR A 163 -15.41 -11.04 5.58
N GLY A 164 -15.53 -10.68 4.30
CA GLY A 164 -16.82 -10.50 3.65
C GLY A 164 -17.71 -11.74 3.74
N ALA A 165 -17.09 -12.92 4.01
CA ALA A 165 -17.70 -14.23 4.24
C ALA A 165 -18.53 -14.25 5.54
N LEU A 166 -18.38 -13.23 6.41
CA LEU A 166 -19.16 -13.13 7.64
C LEU A 166 -20.59 -12.60 7.36
N TRP A 167 -20.78 -11.96 6.19
CA TRP A 167 -22.08 -11.44 5.78
C TRP A 167 -22.84 -12.52 5.04
N GLN A 168 -24.18 -12.40 5.00
CA GLN A 168 -25.10 -13.34 4.38
C GLN A 168 -24.81 -13.54 2.91
N ASP A 169 -24.87 -14.82 2.47
CA ASP A 169 -24.59 -15.30 1.11
C ASP A 169 -23.09 -15.36 0.87
N SER A 170 -22.69 -15.95 -0.27
CA SER A 170 -21.28 -16.13 -0.63
C SER A 170 -20.61 -14.81 -1.05
N SER A 171 -21.23 -14.13 -2.02
CA SER A 171 -20.71 -12.91 -2.62
C SER A 171 -20.92 -11.64 -1.77
N ILE A 172 -20.01 -10.67 -1.96
CA ILE A 172 -20.07 -9.33 -1.38
C ILE A 172 -20.53 -8.38 -2.52
N GLY A 173 -21.20 -8.95 -3.54
CA GLY A 173 -21.75 -8.23 -4.69
C GLY A 173 -20.74 -7.56 -5.58
N HIS A 174 -21.09 -6.33 -6.05
CA HIS A 174 -20.31 -5.49 -6.94
C HIS A 174 -19.16 -4.81 -6.20
N THR A 175 -17.95 -5.34 -6.34
CA THR A 175 -16.74 -4.87 -5.67
C THR A 175 -15.91 -3.99 -6.60
N ARG A 176 -15.79 -2.72 -6.25
CA ARG A 176 -14.95 -1.80 -7.00
C ARG A 176 -13.80 -1.34 -6.12
N LEU A 177 -12.55 -1.64 -6.56
CA LEU A 177 -11.34 -1.30 -5.83
C LEU A 177 -10.40 -0.47 -6.69
N GLU A 178 -9.88 0.60 -6.11
CA GLU A 178 -8.97 1.46 -6.87
C GLU A 178 -7.78 1.89 -5.99
N VAL A 179 -6.55 1.57 -6.44
CA VAL A 179 -5.30 2.00 -5.78
C VAL A 179 -4.63 3.06 -6.68
N ILE A 180 -4.40 4.26 -6.09
CA ILE A 180 -3.87 5.46 -6.77
C ILE A 180 -2.65 5.96 -6.00
N PRO A 181 -1.44 5.51 -6.37
CA PRO A 181 -0.23 5.92 -5.63
C PRO A 181 0.09 7.42 -5.70
N ASN A 182 -0.27 8.10 -6.80
CA ASN A 182 -0.02 9.52 -7.05
C ASN A 182 1.48 9.82 -7.23
N THR A 183 2.27 8.77 -7.53
CA THR A 183 3.71 8.85 -7.83
C THR A 183 4.00 7.76 -8.87
N PRO A 184 5.01 7.85 -9.76
CA PRO A 184 5.24 6.74 -10.73
C PRO A 184 5.59 5.42 -10.01
N THR A 185 4.95 4.31 -10.42
CA THR A 185 5.16 3.00 -9.82
C THR A 185 5.21 1.89 -10.86
N ARG A 186 5.65 0.74 -10.41
CA ARG A 186 5.67 -0.56 -11.09
C ARG A 186 5.28 -1.62 -10.06
N LEU A 187 4.70 -2.74 -10.52
CA LEU A 187 4.43 -3.87 -9.63
C LEU A 187 5.76 -4.52 -9.32
N CYS A 188 5.93 -5.08 -8.11
CA CYS A 188 7.16 -5.81 -7.80
C CYS A 188 7.22 -7.10 -8.62
N SER A 189 6.06 -7.62 -9.06
CA SER A 189 5.94 -8.79 -9.95
C SER A 189 6.34 -8.43 -11.41
N GLU A 190 6.45 -7.11 -11.74
CA GLU A 190 6.91 -6.62 -13.06
C GLU A 190 8.48 -6.42 -13.06
N ILE A 191 9.12 -6.41 -11.87
CA ILE A 191 10.56 -6.22 -11.70
C ILE A 191 11.19 -7.50 -11.12
N ASP A 192 10.65 -8.02 -9.98
CA ASP A 192 11.05 -9.29 -9.34
C ASP A 192 10.00 -10.33 -9.81
N GLN A 193 10.15 -10.74 -11.09
CA GLN A 193 9.29 -11.66 -11.84
CA GLN A 193 9.24 -11.64 -11.80
C GLN A 193 9.32 -13.11 -11.31
N LYS A 194 10.22 -13.41 -10.36
CA LYS A 194 10.45 -14.72 -9.76
C LYS A 194 9.27 -15.29 -8.91
N ALA A 195 8.85 -14.56 -7.85
CA ALA A 195 7.87 -14.99 -6.84
C ALA A 195 6.39 -14.62 -7.11
N ASP A 196 5.50 -15.56 -6.75
CA ASP A 196 4.05 -15.46 -6.91
C ASP A 196 3.39 -14.68 -5.77
N TYR A 197 3.98 -14.64 -4.56
CA TYR A 197 3.38 -13.88 -3.45
C TYR A 197 3.37 -12.39 -3.78
N LEU A 198 4.10 -12.01 -4.84
CA LEU A 198 4.21 -10.64 -5.34
C LEU A 198 3.12 -10.35 -6.36
N ASN A 199 2.41 -11.38 -6.87
CA ASN A 199 1.33 -11.18 -7.82
C ASN A 199 0.15 -10.50 -7.15
N PRO A 200 -0.46 -9.49 -7.80
CA PRO A 200 -1.57 -8.79 -7.14
C PRO A 200 -2.79 -9.67 -6.96
N THR A 201 -3.45 -9.54 -5.81
CA THR A 201 -4.68 -10.26 -5.52
C THR A 201 -5.77 -9.22 -5.14
N PRO A 202 -7.07 -9.46 -5.39
CA PRO A 202 -7.70 -10.63 -6.03
C PRO A 202 -7.44 -10.65 -7.53
N SER A 203 -8.01 -11.62 -8.27
CA SER A 203 -7.87 -11.64 -9.73
C SER A 203 -8.64 -10.46 -10.37
N GLY A 204 -8.29 -10.12 -11.60
CA GLY A 204 -9.01 -9.11 -12.37
C GLY A 204 -8.51 -7.68 -12.35
N MSE A 205 -7.26 -7.47 -11.96
CA MSE A 205 -6.71 -6.13 -11.95
C MSE A 205 -6.33 -5.63 -13.35
O MSE A 205 -5.77 -6.38 -14.17
CB MSE A 205 -5.47 -6.05 -11.03
CG MSE A 205 -5.01 -4.63 -10.77
SE MSE A 205 -3.19 -4.62 -10.05
CE MSE A 205 -2.24 -4.93 -11.73
N SER A 206 -6.64 -4.37 -13.61
CA SER A 206 -6.26 -3.66 -14.83
C SER A 206 -5.41 -2.44 -14.41
N ILE A 207 -4.52 -2.01 -15.29
CA ILE A 207 -3.64 -0.87 -15.06
C ILE A 207 -4.12 0.24 -15.98
N SER A 208 -4.35 1.43 -15.42
CA SER A 208 -4.81 2.60 -16.16
C SER A 208 -3.88 3.78 -15.86
N GLY A 209 -3.76 4.71 -16.81
CA GLY A 209 -2.94 5.91 -16.61
C GLY A 209 -1.45 5.75 -16.84
N SER A 210 -0.75 6.87 -16.82
CA SER A 210 0.69 6.92 -17.04
C SER A 210 1.38 7.82 -16.01
N ARG A 211 2.67 7.55 -15.76
CA ARG A 211 3.52 8.32 -14.85
C ARG A 211 2.91 8.34 -13.43
N ALA A 212 2.77 9.52 -12.80
CA ALA A 212 2.21 9.72 -11.47
C ALA A 212 0.71 9.39 -11.40
N ASP A 213 0.06 9.22 -12.55
CA ASP A 213 -1.36 8.93 -12.65
C ASP A 213 -1.65 7.43 -12.91
N ARG A 214 -0.62 6.56 -12.85
CA ARG A 214 -0.77 5.10 -13.05
C ARG A 214 -1.58 4.53 -11.88
N LYS A 215 -2.79 4.01 -12.18
CA LYS A 215 -3.77 3.48 -11.23
C LYS A 215 -3.97 1.99 -11.43
N TYR A 216 -4.35 1.28 -10.35
CA TYR A 216 -4.60 -0.16 -10.32
C TYR A 216 -6.05 -0.37 -9.96
N ILE A 217 -6.84 -0.90 -10.91
CA ILE A 217 -8.30 -1.03 -10.77
C ILE A 217 -8.79 -2.48 -10.88
N TRP A 218 -9.75 -2.80 -10.01
CA TRP A 218 -10.54 -4.02 -9.96
C TRP A 218 -12.01 -3.61 -10.05
N ASP A 219 -12.82 -4.36 -10.83
CA ASP A 219 -14.26 -4.14 -10.98
C ASP A 219 -14.91 -5.51 -11.10
N LEU A 220 -15.31 -6.08 -9.96
CA LEU A 220 -15.80 -7.45 -9.82
C LEU A 220 -17.29 -7.51 -9.42
N ARG A 221 -18.06 -8.36 -10.11
CA ARG A 221 -19.49 -8.55 -9.90
C ARG A 221 -19.68 -9.94 -9.34
N HIS A 222 -20.64 -10.13 -8.40
CA HIS A 222 -20.90 -11.37 -7.67
C HIS A 222 -19.64 -11.91 -7.02
N PHE A 223 -18.79 -10.99 -6.53
CA PHE A 223 -17.49 -11.32 -5.98
C PHE A 223 -17.56 -12.17 -4.72
N GLN A 224 -17.06 -13.42 -4.82
CA GLN A 224 -16.89 -14.36 -3.73
C GLN A 224 -15.51 -14.03 -3.16
N PRO A 225 -15.39 -13.31 -2.02
CA PRO A 225 -14.05 -12.91 -1.56
C PRO A 225 -13.23 -14.08 -1.00
N GLN A 226 -12.39 -14.64 -1.88
CA GLN A 226 -11.49 -15.77 -1.60
C GLN A 226 -10.07 -15.27 -1.34
N ALA A 227 -9.79 -13.98 -1.67
CA ALA A 227 -8.48 -13.36 -1.43
C ALA A 227 -8.62 -11.89 -1.03
N ASP A 228 -7.66 -11.39 -0.28
CA ASP A 228 -7.63 -10.00 0.13
C ASP A 228 -7.02 -9.13 -0.97
N LEU A 229 -7.08 -7.83 -0.77
CA LEU A 229 -6.34 -6.96 -1.66
C LEU A 229 -4.89 -7.00 -1.18
N SER A 230 -4.01 -7.41 -2.06
CA SER A 230 -2.58 -7.49 -1.81
C SER A 230 -1.88 -6.91 -3.01
N LEU A 231 -1.33 -5.72 -2.85
CA LEU A 231 -0.64 -5.06 -3.94
C LEU A 231 0.72 -4.56 -3.48
N CYS A 232 1.74 -5.14 -4.09
CA CYS A 232 3.14 -4.86 -3.85
C CYS A 232 3.67 -3.94 -4.98
N LEU A 233 4.18 -2.75 -4.61
CA LEU A 233 4.64 -1.73 -5.57
C LEU A 233 6.05 -1.27 -5.36
N PHE A 234 6.68 -0.82 -6.45
CA PHE A 234 7.97 -0.17 -6.41
C PHE A 234 7.74 1.30 -6.67
N THR A 235 8.31 2.15 -5.84
CA THR A 235 8.30 3.60 -6.03
C THR A 235 9.66 3.94 -6.61
N GLY A 236 9.83 5.15 -7.13
CA GLY A 236 11.07 5.59 -7.77
C GLY A 236 12.35 5.42 -6.97
N ILE A 237 12.48 6.18 -5.88
CA ILE A 237 13.68 6.19 -5.03
C ILE A 237 13.90 4.79 -4.42
N SER A 238 12.83 4.11 -3.94
CA SER A 238 12.97 2.77 -3.34
C SER A 238 13.50 1.74 -4.36
N TYR A 239 13.09 1.85 -5.63
CA TYR A 239 13.60 0.94 -6.66
C TYR A 239 15.11 1.12 -6.83
N VAL A 240 15.55 2.37 -7.04
CA VAL A 240 16.95 2.73 -7.26
C VAL A 240 17.79 2.37 -6.02
N ARG A 241 17.27 2.58 -4.81
CA ARG A 241 18.02 2.26 -3.59
C ARG A 241 18.20 0.76 -3.37
N TYR A 242 17.14 -0.01 -3.41
CA TYR A 242 17.21 -1.43 -3.09
C TYR A 242 17.60 -2.33 -4.26
N LYS A 243 17.35 -1.92 -5.51
CA LYS A 243 17.66 -2.76 -6.66
C LYS A 243 18.93 -2.30 -7.41
N VAL A 244 19.41 -1.07 -7.16
CA VAL A 244 20.58 -0.59 -7.88
C VAL A 244 21.71 -0.24 -6.91
N ILE A 245 21.49 0.66 -5.92
CA ILE A 245 22.56 1.14 -5.02
C ILE A 245 22.96 0.08 -3.95
N TYR A 246 22.01 -0.34 -3.10
CA TYR A 246 22.29 -1.25 -1.98
C TYR A 246 22.88 -2.63 -2.43
N PRO A 247 22.48 -3.28 -3.56
CA PRO A 247 23.14 -4.55 -3.92
C PRO A 247 24.66 -4.39 -4.09
N TRP A 248 25.14 -3.24 -4.66
CA TRP A 248 26.57 -2.92 -4.81
C TRP A 248 27.23 -2.67 -3.47
N LEU A 249 26.52 -1.99 -2.56
CA LEU A 249 27.10 -1.70 -1.25
C LEU A 249 27.18 -2.93 -0.38
N ASN A 250 26.20 -3.85 -0.47
CA ASN A 250 26.13 -5.09 0.31
C ASN A 250 26.97 -6.23 -0.29
N SER A 251 27.42 -6.07 -1.55
CA SER A 251 28.23 -7.04 -2.29
C SER A 251 29.51 -7.35 -1.53
N ASP A 252 29.90 -8.65 -1.56
CA ASP A 252 31.09 -9.18 -0.88
CA ASP A 252 31.08 -9.18 -0.87
C ASP A 252 32.40 -8.81 -1.61
N ASP A 253 32.37 -8.82 -2.96
CA ASP A 253 33.52 -8.50 -3.83
CA ASP A 253 33.55 -8.45 -3.77
C ASP A 253 33.23 -7.19 -4.61
N ALA A 254 32.63 -6.18 -3.95
CA ALA A 254 32.22 -4.91 -4.54
C ALA A 254 33.24 -4.28 -5.49
N LEU A 255 34.52 -4.12 -5.10
CA LEU A 255 35.52 -3.47 -5.97
C LEU A 255 35.86 -4.31 -7.20
N SER A 256 35.99 -5.64 -7.01
CA SER A 256 36.26 -6.61 -8.09
C SER A 256 35.08 -6.69 -9.06
N LYS A 257 33.84 -6.73 -8.51
CA LYS A 257 32.59 -6.80 -9.26
C LYS A 257 32.35 -5.48 -10.05
N LEU A 258 32.64 -4.29 -9.45
CA LEU A 258 32.47 -2.99 -10.14
C LEU A 258 33.45 -2.86 -11.32
N ALA A 259 34.69 -3.38 -11.16
CA ALA A 259 35.74 -3.37 -12.20
C ALA A 259 35.33 -4.24 -13.41
N ARG A 260 34.49 -5.27 -13.20
CA ARG A 260 33.95 -6.20 -14.21
C ARG A 260 32.89 -5.55 -15.11
N LEU A 261 32.39 -4.34 -14.75
CA LEU A 261 31.36 -3.64 -15.52
C LEU A 261 31.92 -3.05 -16.81
N SER A 262 31.12 -3.06 -17.90
CA SER A 262 31.53 -2.44 -19.17
C SER A 262 31.54 -0.91 -18.98
N ASN A 263 32.20 -0.14 -19.87
CA ASN A 263 32.29 1.31 -19.71
C ASN A 263 30.90 1.96 -19.71
N LYS A 264 29.96 1.43 -20.54
CA LYS A 264 28.57 1.90 -20.63
C LYS A 264 27.84 1.63 -19.31
N GLU A 265 27.95 0.39 -18.76
CA GLU A 265 27.29 -0.03 -17.50
C GLU A 265 27.75 0.82 -16.32
N LEU A 266 29.08 1.07 -16.20
CA LEU A 266 29.62 1.89 -15.14
C LEU A 266 29.19 3.36 -15.28
N ARG A 267 29.08 3.88 -16.51
CA ARG A 267 28.64 5.26 -16.75
C ARG A 267 27.17 5.41 -16.34
N PHE A 268 26.31 4.44 -16.74
CA PHE A 268 24.87 4.43 -16.38
C PHE A 268 24.69 4.22 -14.87
N LEU A 269 25.50 3.36 -14.22
CA LEU A 269 25.41 3.11 -12.78
C LEU A 269 25.70 4.38 -11.98
N ARG A 270 26.79 5.09 -12.34
CA ARG A 270 27.22 6.32 -11.70
C ARG A 270 26.15 7.40 -11.78
N ASN A 271 25.59 7.58 -12.99
CA ASN A 271 24.65 8.65 -13.26
C ASN A 271 23.26 8.35 -12.68
N THR A 272 22.92 7.04 -12.44
CA THR A 272 21.68 6.58 -11.82
C THR A 272 21.63 7.08 -10.35
N ILE A 273 22.81 7.23 -9.71
CA ILE A 273 22.98 7.69 -8.33
C ILE A 273 22.40 9.11 -8.19
N TYR A 274 22.56 9.93 -9.26
CA TYR A 274 22.08 11.32 -9.35
C TYR A 274 20.66 11.40 -9.95
N ALA A 275 20.34 10.52 -10.92
CA ALA A 275 19.04 10.42 -11.65
C ALA A 275 17.92 10.06 -10.69
N GLN A 276 18.29 9.41 -9.57
CA GLN A 276 17.52 9.01 -8.40
C GLN A 276 16.75 10.24 -7.85
N TYR A 277 17.38 11.43 -7.87
CA TYR A 277 16.83 12.67 -7.34
C TYR A 277 16.33 13.62 -8.45
N GLY A 278 16.36 13.16 -9.69
CA GLY A 278 15.86 13.92 -10.82
C GLY A 278 16.81 14.92 -11.45
N ARG A 279 18.13 14.63 -11.44
CA ARG A 279 19.12 15.49 -12.07
C ARG A 279 18.82 15.54 -13.56
N GLN A 280 18.95 16.73 -14.18
CA GLN A 280 18.70 16.89 -15.60
C GLN A 280 19.99 16.62 -16.36
N PHE A 281 19.92 15.81 -17.42
CA PHE A 281 21.09 15.40 -18.18
C PHE A 281 21.18 16.10 -19.54
N GLN A 282 22.36 16.68 -19.83
CA GLN A 282 22.67 17.39 -21.07
C GLN A 282 23.26 16.45 -22.11
N SER A 283 23.95 15.36 -21.68
CA SER A 283 24.58 14.38 -22.56
C SER A 283 23.52 13.53 -23.23
N PRO A 284 23.52 13.46 -24.59
CA PRO A 284 22.47 12.72 -25.31
C PRO A 284 22.30 11.27 -24.88
N ASP A 285 23.41 10.52 -24.72
CA ASP A 285 23.38 9.12 -24.30
C ASP A 285 22.66 8.94 -22.96
N LEU A 286 22.88 9.87 -21.98
CA LEU A 286 22.27 9.82 -20.65
C LEU A 286 20.82 10.31 -20.70
N GLN A 287 20.57 11.42 -21.44
CA GLN A 287 19.27 12.06 -21.66
C GLN A 287 18.25 11.03 -22.12
N GLU A 288 18.60 10.30 -23.21
CA GLU A 288 17.82 9.25 -23.84
C GLU A 288 17.62 8.02 -22.93
N TYR A 289 18.68 7.61 -22.19
CA TYR A 289 18.66 6.46 -21.27
C TYR A 289 17.67 6.65 -20.11
N PHE A 290 17.75 7.78 -19.41
CA PHE A 290 16.86 8.04 -18.28
C PHE A 290 15.46 8.45 -18.74
N SER A 291 15.31 8.97 -19.99
CA SER A 291 13.99 9.30 -20.50
C SER A 291 13.12 8.04 -20.56
N LYS A 292 13.74 6.88 -20.85
CA LYS A 292 13.09 5.58 -20.98
C LYS A 292 12.97 4.83 -19.64
N LYS A 293 13.43 5.41 -18.51
CA LYS A 293 13.30 4.77 -17.19
C LYS A 293 12.05 5.27 -16.52
N TRP A 294 11.15 4.35 -16.11
CA TRP A 294 9.88 4.67 -15.45
C TRP A 294 10.09 5.46 -14.10
N TRP A 295 11.18 5.17 -13.38
CA TRP A 295 11.43 5.77 -12.09
C TRP A 295 11.97 7.19 -12.17
N TYR A 296 12.59 7.52 -13.33
CA TYR A 296 13.18 8.82 -13.56
C TYR A 296 12.14 9.85 -13.92
N VAL A 297 12.15 10.92 -13.13
CA VAL A 297 11.30 12.11 -13.24
C VAL A 297 12.24 13.30 -13.09
N PRO A 298 12.42 14.17 -14.13
CA PRO A 298 13.31 15.32 -13.97
C PRO A 298 12.78 16.27 -12.89
N ASN A 299 13.66 16.70 -11.98
CA ASN A 299 13.32 17.60 -10.89
C ASN A 299 14.09 18.93 -11.09
N PRO A 300 13.36 20.06 -11.34
CA PRO A 300 14.04 21.34 -11.56
C PRO A 300 14.69 21.91 -10.29
N ASP A 301 14.28 21.40 -9.12
CA ASP A 301 14.81 21.78 -7.81
C ASP A 301 15.96 20.83 -7.38
N TYR A 302 16.50 20.03 -8.35
CA TYR A 302 17.61 19.12 -8.07
C TYR A 302 18.82 19.89 -7.54
N SER A 303 19.55 19.23 -6.61
CA SER A 303 20.79 19.69 -6.00
C SER A 303 21.62 18.49 -5.62
N ASP A 304 22.95 18.63 -5.70
CA ASP A 304 23.86 17.57 -5.28
C ASP A 304 23.76 17.34 -3.77
N ARG A 305 23.17 18.31 -3.00
CA ARG A 305 22.92 18.21 -1.55
C ARG A 305 21.96 17.05 -1.21
N MSE A 306 21.19 16.56 -2.21
CA MSE A 306 20.26 15.44 -2.07
C MSE A 306 20.97 14.08 -1.89
O MSE A 306 20.34 13.14 -1.41
CB MSE A 306 19.30 15.38 -3.27
CG MSE A 306 18.25 16.47 -3.19
SE MSE A 306 17.28 16.81 -4.83
CE MSE A 306 16.03 18.13 -4.16
N LEU A 307 22.27 13.98 -2.27
CA LEU A 307 23.02 12.74 -2.13
C LEU A 307 23.25 12.41 -0.64
N ASN A 308 22.87 11.20 -0.26
CA ASN A 308 22.97 10.71 1.10
C ASN A 308 24.28 9.92 1.27
N GLU A 309 24.51 9.37 2.48
CA GLU A 309 25.72 8.64 2.85
C GLU A 309 25.93 7.37 2.00
N GLU A 310 24.83 6.67 1.64
CA GLU A 310 24.87 5.46 0.83
C GLU A 310 25.37 5.78 -0.59
N ASP A 311 24.83 6.86 -1.19
CA ASP A 311 25.19 7.38 -2.52
C ASP A 311 26.68 7.68 -2.58
N LYS A 312 27.18 8.46 -1.62
CA LYS A 312 28.58 8.86 -1.45
C LYS A 312 29.51 7.63 -1.29
N LYS A 313 29.08 6.61 -0.50
CA LYS A 313 29.84 5.35 -0.34
C LYS A 313 29.98 4.61 -1.67
N LEU A 314 28.89 4.58 -2.49
CA LEU A 314 28.94 3.92 -3.80
C LEU A 314 29.88 4.69 -4.76
N LEU A 315 29.81 6.03 -4.74
CA LEU A 315 30.69 6.86 -5.57
C LEU A 315 32.15 6.69 -5.17
N SER A 316 32.39 6.49 -3.86
CA SER A 316 33.73 6.27 -3.31
C SER A 316 34.25 4.88 -3.75
N MSE A 317 33.37 3.87 -3.80
CA MSE A 317 33.69 2.51 -4.25
C MSE A 317 34.04 2.49 -5.75
O MSE A 317 35.03 1.84 -6.13
CB MSE A 317 32.54 1.56 -3.98
CG MSE A 317 32.52 0.99 -2.57
SE MSE A 317 30.91 -0.13 -2.34
CE MSE A 317 31.46 -1.22 -0.76
N ILE A 318 33.28 3.23 -6.57
CA ILE A 318 33.53 3.35 -8.00
C ILE A 318 34.92 3.97 -8.22
N ASN A 319 35.26 5.00 -7.44
CA ASN A 319 36.55 5.67 -7.52
C ASN A 319 37.72 4.72 -7.22
N GLN A 320 37.53 3.79 -6.28
CA GLN A 320 38.50 2.80 -5.85
C GLN A 320 38.54 1.58 -6.77
N ALA A 321 37.39 1.19 -7.35
CA ALA A 321 37.32 0.00 -8.22
C ALA A 321 38.18 0.15 -9.48
N LYS A 322 38.16 1.34 -10.10
CA LYS A 322 38.87 1.61 -11.34
C LYS A 322 40.26 2.24 -11.08
S SO4 B . -25.38 -7.50 17.46
O1 SO4 B . -24.40 -7.62 18.54
O2 SO4 B . -26.00 -8.79 17.18
O3 SO4 B . -26.42 -6.54 17.83
O4 SO4 B . -24.69 -7.04 16.26
S SO4 C . 25.23 15.57 -18.34
O1 SO4 C . 24.47 16.79 -18.05
O2 SO4 C . 26.26 15.87 -19.32
O3 SO4 C . 25.82 15.11 -17.11
O4 SO4 C . 24.40 14.50 -18.86
S SO4 D . -6.65 12.19 -4.65
O1 SO4 D . -5.39 12.65 -4.05
O2 SO4 D . -6.36 11.23 -5.73
O3 SO4 D . -7.49 11.57 -3.64
O4 SO4 D . -7.34 13.37 -5.19
S SO4 E . -10.21 8.94 -10.15
O1 SO4 E . -9.42 10.09 -9.72
O2 SO4 E . -9.35 7.94 -10.79
O3 SO4 E . -10.90 8.36 -8.99
O4 SO4 E . -11.22 9.38 -11.12
S SO4 F . -5.71 3.29 -20.20
O1 SO4 F . -5.25 4.54 -19.57
O2 SO4 F . -4.57 2.38 -20.34
O3 SO4 F . -6.74 2.63 -19.38
O4 SO4 F . -6.27 3.58 -21.53
S SO4 G . 8.88 -0.51 -18.21
O1 SO4 G . 9.18 0.93 -18.30
O2 SO4 G . 9.61 -1.23 -19.24
O3 SO4 G . 9.29 -1.02 -16.89
O4 SO4 G . 7.45 -0.73 -18.40
S SO4 H . 4.53 4.80 -16.96
O1 SO4 H . 5.14 5.18 -15.68
O2 SO4 H . 5.59 4.31 -17.86
O3 SO4 H . 3.53 3.77 -16.77
O4 SO4 H . 3.89 5.96 -17.58
S SO4 I . -19.48 -1.01 -13.76
O1 SO4 I . -19.11 -0.35 -12.50
O2 SO4 I . -19.19 -2.45 -13.69
O3 SO4 I . -20.91 -0.84 -14.01
O4 SO4 I . -18.72 -0.42 -14.87
S SO4 J . -15.81 -20.45 11.44
O1 SO4 J . -14.69 -20.10 12.32
O2 SO4 J . -15.31 -20.73 10.09
O3 SO4 J . -16.49 -21.63 11.96
O4 SO4 J . -16.74 -19.30 11.39
S SO4 K . 9.39 -8.14 11.20
O1 SO4 K . 9.38 -6.68 11.08
O2 SO4 K . 10.72 -8.59 11.65
O3 SO4 K . 8.38 -8.53 12.19
O4 SO4 K . 9.07 -8.73 9.90
S SO4 L . 5.81 15.59 9.47
O1 SO4 L . 6.42 16.53 10.41
O2 SO4 L . 6.74 15.24 8.40
O3 SO4 L . 5.42 14.38 10.19
O4 SO4 L . 4.64 16.24 8.88
S SO4 M . 17.75 10.22 2.91
O1 SO4 M . 19.02 10.60 3.56
O2 SO4 M . 17.47 8.81 3.18
O3 SO4 M . 16.65 11.06 3.44
O4 SO4 M . 17.88 10.45 1.46
S SO4 N . 29.60 -11.37 -11.24
O1 SO4 N . 30.35 -10.35 -11.96
O2 SO4 N . 30.02 -12.69 -11.69
O3 SO4 N . 29.83 -11.24 -9.79
O4 SO4 N . 28.17 -11.19 -11.48
S SO4 O . -5.28 -12.29 -12.58
O1 SO4 O . -6.09 -11.18 -13.09
O2 SO4 O . -4.05 -12.40 -13.38
O3 SO4 O . -4.90 -12.03 -11.20
O4 SO4 O . -6.02 -13.54 -12.68
#